data_4RE0
#
_entry.id   4RE0
#
_cell.length_a   134.670
_cell.length_b   134.670
_cell.length_c   126.400
_cell.angle_alpha   90.00
_cell.angle_beta   90.00
_cell.angle_gamma   120.00
#
_symmetry.space_group_name_H-M   'P 61 2 2'
#
loop_
_entity.id
_entity.type
_entity.pdbx_description
1 polymer 'Parathion hydrolase'
2 non-polymer 'COBALT (II) ION'
3 non-polymer GLYCEROL
4 non-polymer 'MYRISTIC ACID'
5 non-polymer 'SULFATE ION'
6 water water
#
_entity_poly.entity_id   1
_entity_poly.type   'polypeptide(L)'
_entity_poly.pdbx_seq_one_letter_code
;GMVRISIAGGNEIDPGSMGLTLFHEHLRLITEVVRWNWPHLYNEDEELKRAIDAVNAAKKYGVKTIIDLTVAGIGCDVRF
NEKVAKATGVNIIMGTGFYTYTEIPFYFKNRGIDSLVDAFVHDITIGIQGTNTRAAFV(KCX)AVIDSSGLTKDVEMAIR
AAAKAHIKTDVPIITHSFVGNKSSLDLIRIFKEEGVDLARTVIGHVGDTDDISFIEQILREGAFIGLDRFGLDIYLPLDK
RVKTAIELIKRGWIDQLLLSHDYCPTIDWYPPEVVRSTVPDWTMTLIFEKVIPRMRSEGITEEQINRVLIDNPRRLFTGR
;
_entity_poly.pdbx_strand_id   A
#
loop_
_chem_comp.id
_chem_comp.type
_chem_comp.name
_chem_comp.formula
CO non-polymer 'COBALT (II) ION' 'Co 2'
GOL non-polymer GLYCEROL 'C3 H8 O3'
MYR non-polymer 'MYRISTIC ACID' 'C14 H28 O2'
SO4 non-polymer 'SULFATE ION' 'O4 S -2'
#
# COMPACT_ATOMS: atom_id res chain seq x y z
N MET A 2 2.54 -20.33 -11.41
CA MET A 2 1.31 -20.11 -10.56
C MET A 2 1.72 -19.75 -9.13
N VAL A 3 1.36 -18.56 -8.68
CA VAL A 3 1.90 -17.97 -7.47
C VAL A 3 1.11 -18.31 -6.25
N ARG A 4 1.77 -18.64 -5.14
CA ARG A 4 1.11 -18.84 -3.87
C ARG A 4 1.33 -17.55 -3.01
N ILE A 5 0.23 -16.96 -2.51
CA ILE A 5 0.24 -15.76 -1.63
C ILE A 5 -0.08 -16.14 -0.22
N SER A 6 0.92 -15.94 0.63
CA SER A 6 0.81 -16.15 2.05
C SER A 6 -0.07 -15.03 2.60
N ILE A 7 -0.85 -15.33 3.61
CA ILE A 7 -1.65 -14.41 4.31
C ILE A 7 -1.38 -14.57 5.78
N ALA A 8 -1.71 -13.56 6.57
CA ALA A 8 -1.36 -13.60 7.97
C ALA A 8 -2.04 -14.80 8.57
N GLY A 9 -1.30 -15.55 9.40
CA GLY A 9 -1.77 -16.84 9.99
C GLY A 9 -0.97 -17.95 9.25
N GLY A 10 -0.34 -17.65 8.12
CA GLY A 10 0.39 -18.64 7.39
C GLY A 10 -0.40 -19.58 6.47
N ASN A 11 -1.74 -19.49 6.35
CA ASN A 11 -2.34 -20.01 5.09
C ASN A 11 -1.88 -19.30 3.85
N GLU A 12 -2.20 -19.91 2.72
CA GLU A 12 -1.94 -19.37 1.43
C GLU A 12 -3.23 -19.27 0.60
N ILE A 13 -3.24 -18.33 -0.32
CA ILE A 13 -4.27 -18.20 -1.33
C ILE A 13 -3.51 -17.92 -2.64
N ASP A 14 -4.18 -17.65 -3.70
CA ASP A 14 -3.49 -17.34 -4.94
C ASP A 14 -4.20 -16.16 -5.60
N PRO A 15 -3.66 -15.63 -6.67
CA PRO A 15 -4.22 -14.35 -7.14
C PRO A 15 -5.73 -14.39 -7.44
N GLY A 16 -6.15 -15.51 -8.00
CA GLY A 16 -7.57 -15.70 -8.36
C GLY A 16 -8.53 -15.72 -7.26
N SER A 17 -8.07 -15.95 -6.05
CA SER A 17 -9.01 -16.04 -4.87
C SER A 17 -8.90 -14.84 -3.87
N MET A 18 -8.14 -13.82 -4.24
CA MET A 18 -8.07 -12.54 -3.46
C MET A 18 -9.44 -11.91 -3.41
N GLY A 19 -10.13 -11.94 -4.57
CA GLY A 19 -11.50 -11.41 -4.61
C GLY A 19 -11.46 -9.85 -4.50
N LEU A 20 -12.54 -9.27 -3.99
CA LEU A 20 -12.64 -7.85 -3.78
C LEU A 20 -11.59 -7.41 -2.69
N THR A 21 -10.68 -6.57 -3.13
CA THR A 21 -9.44 -6.25 -2.39
C THR A 21 -9.27 -4.76 -2.23
N LEU A 22 -8.88 -4.33 -1.02
CA LEU A 22 -8.27 -3.01 -0.79
C LEU A 22 -6.74 -3.15 -0.81
N PHE A 23 -6.10 -2.63 -1.84
CA PHE A 23 -4.69 -2.93 -2.09
C PHE A 23 -3.72 -2.14 -1.26
N HIS A 24 -4.15 -1.08 -0.57
CA HIS A 24 -3.28 -0.26 0.27
C HIS A 24 -4.03 0.29 1.50
N GLU A 25 -3.87 -0.39 2.62
CA GLU A 25 -4.41 0.04 3.88
C GLU A 25 -3.39 -0.28 4.99
N HIS A 26 -3.70 0.06 6.23
CA HIS A 26 -2.84 -0.27 7.39
C HIS A 26 -3.75 -0.81 8.51
N LEU A 27 -3.20 -1.68 9.37
CA LEU A 27 -3.93 -2.04 10.61
C LEU A 27 -3.48 -1.28 11.81
N ARG A 28 -2.21 -0.91 11.82
CA ARG A 28 -1.62 -0.18 12.93
C ARG A 28 -0.26 0.39 12.44
N LEU A 29 -0.09 1.68 12.46
CA LEU A 29 1.10 2.29 12.00
C LEU A 29 1.74 2.97 13.22
N ILE A 30 2.86 2.39 13.62
CA ILE A 30 3.64 2.82 14.85
C ILE A 30 5.14 2.80 14.60
N THR A 31 5.85 3.50 15.45
CA THR A 31 7.22 3.79 15.28
C THR A 31 7.99 2.81 16.23
N GLU A 32 8.68 1.83 15.64
CA GLU A 32 9.36 0.76 16.47
C GLU A 32 10.20 1.26 17.64
N VAL A 33 11.02 2.24 17.39
CA VAL A 33 11.95 2.71 18.43
C VAL A 33 11.20 3.39 19.59
N VAL A 34 10.05 4.05 19.29
CA VAL A 34 9.26 4.66 20.33
C VAL A 34 8.51 3.60 21.07
N ARG A 35 7.90 2.65 20.37
CA ARG A 35 7.08 1.61 21.12
C ARG A 35 7.94 0.65 21.91
N TRP A 36 9.11 0.33 21.37
CA TRP A 36 10.11 -0.46 22.10
C TRP A 36 10.51 0.24 23.38
N ASN A 37 10.78 1.52 23.32
CA ASN A 37 11.36 2.19 24.50
C ASN A 37 10.41 2.79 25.49
N TRP A 38 9.24 3.20 24.97
CA TRP A 38 8.15 3.84 25.80
C TRP A 38 6.74 3.22 25.62
N PRO A 39 6.57 2.01 26.08
CA PRO A 39 5.33 1.34 25.86
C PRO A 39 4.17 2.03 26.64
N HIS A 40 4.49 2.85 27.64
CA HIS A 40 3.41 3.57 28.37
C HIS A 40 2.65 4.50 27.48
N LEU A 41 3.21 4.91 26.35
CA LEU A 41 2.51 5.80 25.41
C LEU A 41 1.49 5.06 24.50
N TYR A 42 1.31 3.77 24.67
CA TYR A 42 0.49 3.01 23.80
C TYR A 42 -0.48 2.16 24.57
N ASN A 43 -1.52 1.70 23.88
CA ASN A 43 -2.49 0.75 24.43
C ASN A 43 -2.89 -0.31 23.43
N GLU A 44 -2.33 -1.46 23.62
CA GLU A 44 -2.48 -2.50 22.63
C GLU A 44 -3.97 -2.89 22.47
N ASP A 45 -4.77 -2.90 23.57
CA ASP A 45 -6.19 -3.33 23.43
C ASP A 45 -6.98 -2.33 22.56
N GLU A 46 -6.77 -1.03 22.70
CA GLU A 46 -7.41 -0.05 21.86
CA GLU A 46 -7.45 -0.08 21.83
C GLU A 46 -6.97 -0.16 20.39
N GLU A 47 -5.69 -0.43 20.17
CA GLU A 47 -5.14 -0.52 18.82
C GLU A 47 -5.76 -1.70 18.11
N LEU A 48 -5.83 -2.79 18.80
CA LEU A 48 -6.47 -3.98 18.21
C LEU A 48 -7.96 -3.81 17.94
N LYS A 49 -8.67 -3.22 18.88
CA LYS A 49 -10.06 -2.95 18.67
C LYS A 49 -10.31 -2.01 17.48
N ARG A 50 -9.49 -0.97 17.34
CA ARG A 50 -9.77 -0.03 16.26
C ARG A 50 -9.49 -0.71 14.93
N ALA A 51 -8.52 -1.58 14.91
CA ALA A 51 -8.20 -2.27 13.66
C ALA A 51 -9.31 -3.31 13.30
N ILE A 52 -9.73 -4.12 14.28
CA ILE A 52 -10.82 -5.10 14.06
C ILE A 52 -12.10 -4.39 13.61
N ASP A 53 -12.42 -3.24 14.22
CA ASP A 53 -13.60 -2.45 13.81
C ASP A 53 -13.55 -1.97 12.39
N ALA A 54 -12.38 -1.52 11.94
CA ALA A 54 -12.27 -0.98 10.62
C ALA A 54 -12.36 -2.07 9.58
N VAL A 55 -11.68 -3.15 9.86
CA VAL A 55 -11.69 -4.28 8.96
C VAL A 55 -13.08 -4.94 8.91
N ASN A 56 -13.76 -5.09 10.03
CA ASN A 56 -15.17 -5.55 9.96
C ASN A 56 -16.06 -4.58 9.16
N ALA A 57 -15.85 -3.29 9.29
CA ALA A 57 -16.66 -2.40 8.47
C ALA A 57 -16.42 -2.66 6.99
N ALA A 58 -15.21 -2.93 6.58
CA ALA A 58 -14.98 -3.12 5.15
C ALA A 58 -15.57 -4.45 4.70
N LYS A 59 -15.48 -5.43 5.58
CA LYS A 59 -15.96 -6.77 5.30
C LYS A 59 -17.50 -6.66 5.01
N LYS A 60 -18.21 -5.74 5.67
CA LYS A 60 -19.68 -5.57 5.47
C LYS A 60 -19.94 -5.17 4.02
N TYR A 61 -19.02 -4.48 3.37
CA TYR A 61 -19.24 -4.11 1.99
C TYR A 61 -18.68 -5.07 0.99
N GLY A 62 -18.24 -6.24 1.44
CA GLY A 62 -17.77 -7.22 0.48
C GLY A 62 -16.26 -7.44 0.41
N VAL A 63 -15.45 -6.71 1.19
CA VAL A 63 -13.98 -6.86 1.08
C VAL A 63 -13.58 -8.23 1.59
N LYS A 64 -12.85 -8.96 0.78
CA LYS A 64 -12.28 -10.31 1.18
C LYS A 64 -10.83 -10.25 1.57
N THR A 65 -10.08 -9.33 0.94
CA THR A 65 -8.65 -9.26 1.08
C THR A 65 -8.21 -7.82 1.28
N ILE A 66 -7.38 -7.61 2.27
CA ILE A 66 -6.78 -6.32 2.51
C ILE A 66 -5.26 -6.50 2.48
N ILE A 67 -4.60 -5.65 1.74
CA ILE A 67 -3.12 -5.67 1.70
C ILE A 67 -2.54 -4.60 2.66
N ASP A 68 -1.81 -5.06 3.67
CA ASP A 68 -1.30 -4.21 4.67
C ASP A 68 0.03 -3.65 4.22
N LEU A 69 0.13 -2.33 4.04
CA LEU A 69 1.36 -1.71 3.52
C LEU A 69 2.35 -1.27 4.61
N THR A 70 2.10 -1.73 5.84
CA THR A 70 2.98 -1.49 6.94
C THR A 70 4.22 -2.43 6.87
N VAL A 71 5.37 -1.84 6.59
CA VAL A 71 6.60 -2.56 6.54
C VAL A 71 7.56 -2.02 7.59
N ALA A 72 8.80 -2.51 7.57
CA ALA A 72 9.82 -2.02 8.58
C ALA A 72 9.99 -0.52 8.56
N GLY A 73 10.02 0.09 9.74
CA GLY A 73 10.09 1.53 9.87
C GLY A 73 8.75 2.20 10.20
N ILE A 74 7.64 1.48 9.96
CA ILE A 74 6.32 1.93 10.38
C ILE A 74 5.55 0.89 11.10
N GLY A 75 6.27 -0.13 11.62
CA GLY A 75 5.74 -0.92 12.71
C GLY A 75 5.19 -2.28 12.37
N CYS A 76 5.63 -2.83 11.23
CA CYS A 76 5.25 -4.15 10.80
C CYS A 76 5.21 -5.14 11.91
N ASP A 77 4.10 -5.82 12.08
CA ASP A 77 3.93 -6.78 13.19
C ASP A 77 2.99 -7.92 12.81
N VAL A 78 3.55 -9.03 12.35
CA VAL A 78 2.77 -10.23 11.99
C VAL A 78 1.84 -10.71 13.07
N ARG A 79 2.31 -10.81 14.30
CA ARG A 79 1.46 -11.33 15.39
C ARG A 79 0.24 -10.48 15.71
N PHE A 80 0.40 -9.16 15.66
CA PHE A 80 -0.73 -8.25 15.77
C PHE A 80 -1.69 -8.50 14.60
N ASN A 81 -1.18 -8.62 13.40
CA ASN A 81 -2.02 -8.89 12.24
C ASN A 81 -2.74 -10.22 12.26
N GLU A 82 -2.10 -11.22 12.84
CA GLU A 82 -2.76 -12.52 13.04
C GLU A 82 -4.00 -12.37 13.90
N LYS A 83 -3.92 -11.59 14.97
CA LYS A 83 -5.10 -11.39 15.77
C LYS A 83 -6.23 -10.72 15.00
N VAL A 84 -5.92 -9.76 14.13
CA VAL A 84 -6.94 -9.09 13.38
C VAL A 84 -7.59 -10.04 12.38
N ALA A 85 -6.77 -10.86 11.78
CA ALA A 85 -7.24 -11.84 10.86
C ALA A 85 -8.14 -12.89 11.53
N LYS A 86 -7.73 -13.44 12.68
CA LYS A 86 -8.56 -14.46 13.27
CA LYS A 86 -8.50 -14.43 13.45
C LYS A 86 -9.92 -13.88 13.73
N ALA A 87 -9.96 -12.66 14.28
CA ALA A 87 -11.17 -12.02 14.66
C ALA A 87 -12.12 -11.65 13.51
N THR A 88 -11.62 -11.36 12.32
CA THR A 88 -12.46 -10.77 11.28
C THR A 88 -12.68 -11.74 10.14
N GLY A 89 -11.85 -12.74 9.97
CA GLY A 89 -11.96 -13.67 8.81
C GLY A 89 -11.52 -13.01 7.49
N VAL A 90 -10.95 -11.80 7.51
CA VAL A 90 -10.53 -11.16 6.23
C VAL A 90 -9.08 -11.60 5.91
N ASN A 91 -8.75 -11.90 4.63
CA ASN A 91 -7.43 -12.27 4.31
C ASN A 91 -6.52 -10.98 4.46
N ILE A 92 -5.41 -11.06 5.19
CA ILE A 92 -4.44 -9.98 5.29
C ILE A 92 -3.11 -10.36 4.63
N ILE A 93 -2.77 -9.66 3.56
CA ILE A 93 -1.52 -9.85 2.85
C ILE A 93 -0.47 -8.88 3.35
N MET A 94 0.73 -9.42 3.61
CA MET A 94 1.85 -8.63 4.17
C MET A 94 3.00 -8.55 3.20
N GLY A 95 3.87 -7.59 3.44
CA GLY A 95 5.04 -7.33 2.56
C GLY A 95 6.32 -7.06 3.35
N THR A 96 7.35 -6.64 2.65
CA THR A 96 8.56 -6.23 3.24
C THR A 96 9.11 -5.02 2.55
N GLY A 97 10.06 -4.39 3.20
CA GLY A 97 10.79 -3.23 2.63
C GLY A 97 11.31 -2.37 3.72
N PHE A 98 11.88 -1.22 3.40
CA PHE A 98 12.25 -0.31 4.50
C PHE A 98 11.67 1.05 4.25
N TYR A 99 10.81 1.49 5.15
CA TYR A 99 10.13 2.78 5.01
C TYR A 99 10.94 3.93 5.59
N THR A 100 11.37 4.83 4.72
CA THR A 100 12.06 6.03 5.13
C THR A 100 11.99 7.09 4.07
N TYR A 101 12.06 8.32 4.50
CA TYR A 101 12.14 9.44 3.58
C TYR A 101 13.57 10.06 3.45
N THR A 102 14.53 9.68 4.30
CA THR A 102 15.87 10.31 4.31
C THR A 102 16.97 9.25 4.56
N GLU A 103 16.97 8.61 5.74
CA GLU A 103 18.07 7.73 6.25
C GLU A 103 17.68 6.29 6.46
N ILE A 104 18.70 5.44 6.35
CA ILE A 104 18.55 4.04 6.77
C ILE A 104 19.53 3.78 7.92
N PRO A 105 19.31 2.76 8.71
CA PRO A 105 20.18 2.44 9.80
C PRO A 105 21.62 2.13 9.43
N PHE A 106 22.49 2.49 10.34
CA PHE A 106 23.87 2.22 10.29
C PHE A 106 24.07 0.70 10.06
N TYR A 107 23.30 -0.17 10.70
CA TYR A 107 23.32 -1.61 10.40
C TYR A 107 23.48 -1.91 8.92
N PHE A 108 22.65 -1.32 8.08
CA PHE A 108 22.68 -1.57 6.62
C PHE A 108 23.65 -0.68 5.88
N LYS A 109 23.83 0.56 6.30
CA LYS A 109 24.86 1.40 5.60
C LYS A 109 26.23 0.69 5.73
N ASN A 110 26.56 0.12 6.89
CA ASN A 110 27.92 -0.48 7.04
C ASN A 110 28.08 -1.82 6.28
N ARG A 111 27.02 -2.53 5.95
CA ARG A 111 27.10 -3.80 5.28
C ARG A 111 26.77 -3.71 3.77
N GLY A 112 26.05 -2.68 3.36
CA GLY A 112 25.71 -2.49 1.97
C GLY A 112 24.37 -3.06 1.48
N ILE A 113 24.03 -2.64 0.25
CA ILE A 113 22.74 -3.01 -0.42
C ILE A 113 22.43 -4.50 -0.34
N ASP A 114 23.41 -5.39 -0.42
CA ASP A 114 23.10 -6.82 -0.41
C ASP A 114 22.57 -7.32 0.89
N SER A 115 22.95 -6.67 1.96
CA SER A 115 22.45 -7.10 3.25
C SER A 115 20.95 -6.75 3.38
N LEU A 116 20.54 -5.60 2.85
CA LEU A 116 19.12 -5.22 2.79
C LEU A 116 18.27 -6.15 1.84
N VAL A 117 18.76 -6.34 0.61
CA VAL A 117 18.20 -7.36 -0.33
C VAL A 117 18.05 -8.70 0.38
N ASP A 118 19.06 -9.18 1.11
CA ASP A 118 18.96 -10.50 1.73
C ASP A 118 17.89 -10.57 2.83
N ALA A 119 17.73 -9.47 3.56
CA ALA A 119 16.70 -9.35 4.59
C ALA A 119 15.33 -9.41 3.93
N PHE A 120 15.11 -8.69 2.85
CA PHE A 120 13.82 -8.75 2.14
C PHE A 120 13.59 -10.14 1.53
N VAL A 121 14.63 -10.67 0.89
CA VAL A 121 14.52 -12.04 0.26
C VAL A 121 14.21 -13.07 1.35
N HIS A 122 14.77 -12.90 2.53
CA HIS A 122 14.42 -13.85 3.62
C HIS A 122 12.96 -13.75 3.96
N ASP A 123 12.42 -12.52 4.06
CA ASP A 123 10.97 -12.40 4.44
C ASP A 123 10.01 -13.01 3.37
N ILE A 124 10.35 -12.87 2.10
CA ILE A 124 9.63 -13.36 0.96
C ILE A 124 9.70 -14.91 0.77
N THR A 125 10.83 -15.54 1.08
CA THR A 125 11.03 -17.00 0.82
C THR A 125 10.92 -17.86 2.06
N ILE A 126 11.10 -17.31 3.26
CA ILE A 126 11.07 -18.08 4.47
C ILE A 126 10.01 -17.58 5.41
N GLY A 127 9.98 -16.31 5.71
CA GLY A 127 8.97 -15.84 6.67
C GLY A 127 9.34 -14.57 7.43
N ILE A 128 8.31 -13.80 7.80
CA ILE A 128 8.49 -12.52 8.43
C ILE A 128 8.52 -12.81 9.90
N GLN A 129 9.57 -12.30 10.56
CA GLN A 129 9.61 -12.24 12.03
C GLN A 129 9.43 -13.59 12.70
N GLY A 130 10.06 -14.62 12.15
CA GLY A 130 10.08 -15.93 12.78
C GLY A 130 8.84 -16.73 12.54
N THR A 131 7.96 -16.29 11.63
CA THR A 131 6.67 -16.96 11.36
C THR A 131 6.79 -17.55 9.97
N ASN A 132 5.79 -18.37 9.61
CA ASN A 132 5.62 -18.86 8.20
C ASN A 132 4.73 -17.94 7.35
N THR A 133 4.31 -16.76 7.87
CA THR A 133 3.71 -15.77 6.97
C THR A 133 4.82 -15.11 6.15
N ARG A 134 4.78 -15.22 4.84
CA ARG A 134 5.84 -14.71 4.02
C ARG A 134 5.37 -13.40 3.35
N ALA A 135 6.33 -12.52 3.07
CA ALA A 135 6.00 -11.27 2.40
C ALA A 135 5.58 -11.57 0.96
N ALA A 136 4.53 -10.95 0.48
CA ALA A 136 4.06 -11.23 -0.87
C ALA A 136 4.33 -10.12 -1.83
N PHE A 137 4.89 -9.03 -1.32
CA PHE A 137 5.29 -7.92 -2.17
C PHE A 137 6.43 -7.20 -1.51
N VAL A 138 7.01 -6.24 -2.21
CA VAL A 138 8.03 -5.45 -1.58
C VAL A 138 7.72 -3.97 -1.79
N KCX A 139 8.09 -3.14 -0.80
CA KCX A 139 7.76 -1.71 -0.85
CB KCX A 139 7.12 -1.31 0.48
CG KCX A 139 6.60 0.14 0.40
CD KCX A 139 5.81 0.45 1.63
CE KCX A 139 4.99 1.70 1.52
NZ KCX A 139 4.08 1.82 2.65
C KCX A 139 9.02 -0.89 -1.08
O KCX A 139 10.08 -1.17 -0.50
CX KCX A 139 3.22 2.88 2.70
OQ1 KCX A 139 2.42 3.12 3.55
OQ2 KCX A 139 3.16 3.78 1.80
N ALA A 140 8.86 0.20 -1.82
CA ALA A 140 9.92 1.21 -1.99
C ALA A 140 9.33 2.59 -1.70
N VAL A 141 10.10 3.48 -1.07
CA VAL A 141 9.55 4.76 -0.54
C VAL A 141 10.38 5.95 -0.92
N ILE A 142 9.73 7.02 -1.36
CA ILE A 142 10.39 8.28 -1.56
C ILE A 142 9.40 9.39 -1.31
N ASP A 143 9.86 10.49 -0.71
CA ASP A 143 8.95 11.55 -0.43
C ASP A 143 9.56 12.91 -0.75
N SER A 144 9.22 13.93 0.02
CA SER A 144 9.58 15.29 -0.30
C SER A 144 11.06 15.64 -0.13
N SER A 145 11.84 14.89 0.65
CA SER A 145 13.28 15.06 0.57
C SER A 145 13.92 14.57 -0.71
N GLY A 146 13.17 13.86 -1.54
CA GLY A 146 13.73 13.37 -2.79
C GLY A 146 14.66 12.19 -2.61
N LEU A 147 15.56 12.09 -3.56
CA LEU A 147 16.39 10.93 -3.69
C LEU A 147 17.69 11.05 -2.96
N THR A 148 17.67 10.84 -1.66
CA THR A 148 18.88 10.89 -0.90
C THR A 148 19.57 9.57 -1.19
N LYS A 149 20.80 9.44 -0.75
CA LYS A 149 21.58 8.22 -0.99
C LYS A 149 20.99 7.04 -0.34
N ASP A 150 20.55 7.18 0.92
CA ASP A 150 19.94 6.06 1.63
C ASP A 150 18.62 5.64 0.97
N VAL A 151 17.80 6.63 0.56
CA VAL A 151 16.55 6.36 -0.08
C VAL A 151 16.82 5.54 -1.40
N GLU A 152 17.79 6.01 -2.17
CA GLU A 152 18.18 5.35 -3.41
C GLU A 152 18.63 3.92 -3.15
N MET A 153 19.36 3.72 -2.08
CA MET A 153 19.72 2.36 -1.75
C MET A 153 18.53 1.52 -1.47
N ALA A 154 17.58 2.04 -0.70
CA ALA A 154 16.49 1.18 -0.27
C ALA A 154 15.59 0.92 -1.47
N ILE A 155 15.46 1.88 -2.35
CA ILE A 155 14.63 1.65 -3.53
C ILE A 155 15.29 0.54 -4.44
N ARG A 156 16.61 0.65 -4.65
CA ARG A 156 17.27 -0.32 -5.50
C ARG A 156 17.24 -1.71 -4.87
N ALA A 157 17.35 -1.78 -3.56
CA ALA A 157 17.22 -3.04 -2.86
C ALA A 157 15.86 -3.66 -3.12
N ALA A 158 14.81 -2.82 -3.11
CA ALA A 158 13.50 -3.36 -3.38
C ALA A 158 13.43 -3.93 -4.80
N ALA A 159 13.98 -3.18 -5.73
CA ALA A 159 14.03 -3.64 -7.11
C ALA A 159 14.76 -4.98 -7.27
N LYS A 160 15.87 -5.14 -6.55
CA LYS A 160 16.68 -6.38 -6.62
C LYS A 160 16.01 -7.50 -5.99
N ALA A 161 15.28 -7.26 -4.90
CA ALA A 161 14.52 -8.37 -4.29
C ALA A 161 13.40 -8.88 -5.24
N HIS A 162 12.80 -7.93 -5.95
CA HIS A 162 11.81 -8.29 -6.97
C HIS A 162 12.46 -9.11 -8.10
N ILE A 163 13.65 -8.71 -8.54
CA ILE A 163 14.30 -9.41 -9.59
C ILE A 163 14.55 -10.85 -9.11
N LYS A 164 14.95 -11.08 -7.87
CA LYS A 164 15.17 -12.49 -7.39
C LYS A 164 13.96 -13.30 -7.17
N THR A 165 12.84 -12.70 -6.77
CA THR A 165 11.74 -13.48 -6.20
C THR A 165 10.44 -13.30 -7.03
N ASP A 166 10.42 -12.34 -7.95
CA ASP A 166 9.20 -12.00 -8.75
C ASP A 166 7.93 -11.40 -8.03
N VAL A 167 8.00 -11.08 -6.73
CA VAL A 167 6.89 -10.38 -6.04
C VAL A 167 6.75 -8.96 -6.56
N PRO A 168 5.53 -8.46 -6.61
CA PRO A 168 5.39 -7.11 -7.08
C PRO A 168 5.94 -6.07 -6.11
N ILE A 169 6.12 -4.87 -6.64
CA ILE A 169 6.60 -3.76 -5.94
C ILE A 169 5.45 -2.75 -5.80
N ILE A 170 5.10 -2.42 -4.58
CA ILE A 170 4.11 -1.37 -4.31
C ILE A 170 4.84 -0.21 -3.64
N THR A 171 4.73 1.01 -4.17
CA THR A 171 5.50 2.14 -3.72
C THR A 171 4.67 3.23 -3.09
N HIS A 172 5.43 4.07 -2.39
CA HIS A 172 5.04 5.32 -1.83
C HIS A 172 5.85 6.37 -2.57
N SER A 173 5.15 7.33 -3.20
CA SER A 173 5.80 8.51 -3.74
C SER A 173 5.06 9.79 -3.33
N PHE A 174 5.55 10.90 -3.84
CA PHE A 174 5.09 12.25 -3.48
C PHE A 174 4.86 13.13 -4.71
N VAL A 175 3.62 13.65 -4.88
CA VAL A 175 3.28 14.29 -6.17
C VAL A 175 3.78 15.68 -6.24
N GLY A 176 4.21 16.25 -5.13
CA GLY A 176 4.75 17.59 -5.20
C GLY A 176 6.20 17.74 -5.71
N ASN A 177 6.87 16.67 -6.06
CA ASN A 177 8.16 16.79 -6.73
C ASN A 177 8.19 15.70 -7.81
N LYS A 178 9.37 15.33 -8.25
CA LYS A 178 9.44 14.36 -9.37
C LYS A 178 9.72 12.94 -8.91
N SER A 179 9.40 12.65 -7.66
CA SER A 179 9.83 11.40 -7.05
C SER A 179 9.28 10.20 -7.77
N SER A 180 8.07 10.29 -8.25
CA SER A 180 7.48 9.17 -9.02
C SER A 180 8.34 8.76 -10.24
N LEU A 181 8.91 9.74 -10.89
CA LEU A 181 9.76 9.49 -12.01
C LEU A 181 11.14 9.02 -11.63
N ASP A 182 11.62 9.38 -10.44
CA ASP A 182 12.83 8.77 -9.88
C ASP A 182 12.63 7.27 -9.70
N LEU A 183 11.47 6.87 -9.18
CA LEU A 183 11.22 5.46 -9.04
C LEU A 183 11.23 4.72 -10.38
N ILE A 184 10.54 5.27 -11.38
CA ILE A 184 10.48 4.68 -12.68
C ILE A 184 11.94 4.53 -13.26
N ARG A 185 12.76 5.57 -13.23
CA ARG A 185 14.12 5.52 -13.78
CA ARG A 185 14.11 5.52 -13.80
C ARG A 185 14.89 4.39 -13.12
N ILE A 186 14.83 4.31 -11.80
CA ILE A 186 15.61 3.27 -11.06
C ILE A 186 15.17 1.83 -11.35
N PHE A 187 13.85 1.62 -11.38
CA PHE A 187 13.34 0.35 -11.69
C PHE A 187 13.77 -0.04 -13.12
N LYS A 188 13.77 0.91 -14.04
CA LYS A 188 14.24 0.59 -15.41
C LYS A 188 15.74 0.28 -15.41
N GLU A 189 16.57 1.02 -14.66
CA GLU A 189 17.97 0.68 -14.57
C GLU A 189 18.12 -0.74 -14.02
N GLU A 190 17.29 -1.20 -13.12
CA GLU A 190 17.45 -2.52 -12.60
C GLU A 190 16.77 -3.61 -13.37
N GLY A 191 16.16 -3.30 -14.51
CA GLY A 191 15.48 -4.34 -15.31
C GLY A 191 14.12 -4.78 -14.81
N VAL A 192 13.40 -3.94 -14.04
CA VAL A 192 12.07 -4.35 -13.46
C VAL A 192 11.04 -4.19 -14.56
N ASP A 193 10.20 -5.17 -14.74
CA ASP A 193 8.98 -4.97 -15.54
C ASP A 193 7.97 -4.05 -14.77
N LEU A 194 7.74 -2.86 -15.34
CA LEU A 194 6.85 -1.87 -14.73
C LEU A 194 5.45 -2.32 -14.54
N ALA A 195 5.01 -3.32 -15.29
CA ALA A 195 3.67 -3.85 -15.03
C ALA A 195 3.59 -4.66 -13.75
N ARG A 196 4.73 -4.89 -13.07
CA ARG A 196 4.67 -5.55 -11.79
C ARG A 196 4.81 -4.53 -10.63
N THR A 197 4.65 -3.25 -10.93
CA THR A 197 4.79 -2.19 -9.94
C THR A 197 3.57 -1.27 -9.84
N VAL A 198 3.40 -0.68 -8.66
CA VAL A 198 2.45 0.36 -8.45
C VAL A 198 3.18 1.62 -8.05
N ILE A 199 2.96 2.72 -8.81
CA ILE A 199 3.50 4.00 -8.38
C ILE A 199 2.48 4.62 -7.41
N GLY A 200 2.85 4.76 -6.14
CA GLY A 200 1.88 5.10 -5.12
C GLY A 200 1.59 6.55 -4.90
N HIS A 201 0.40 6.79 -4.36
CA HIS A 201 -0.02 8.13 -3.94
C HIS A 201 -0.19 9.12 -5.08
N VAL A 202 -0.30 8.62 -6.28
CA VAL A 202 -0.60 9.43 -7.47
C VAL A 202 -2.01 10.05 -7.41
N GLY A 203 -2.91 9.41 -6.72
CA GLY A 203 -4.24 9.98 -6.47
C GLY A 203 -4.20 11.33 -5.78
N ASP A 204 -3.05 11.71 -5.20
CA ASP A 204 -2.95 12.97 -4.57
C ASP A 204 -2.88 14.12 -5.59
N THR A 205 -2.81 13.83 -6.88
CA THR A 205 -2.93 14.89 -7.84
C THR A 205 -4.10 14.69 -8.81
N ASP A 206 -4.61 15.79 -9.36
CA ASP A 206 -5.64 15.70 -10.43
C ASP A 206 -5.11 16.24 -11.70
N ASP A 207 -3.81 16.44 -11.76
CA ASP A 207 -3.15 16.84 -13.02
C ASP A 207 -2.96 15.68 -14.01
N ILE A 208 -3.91 15.62 -14.96
CA ILE A 208 -4.04 14.52 -15.89
C ILE A 208 -2.77 14.33 -16.69
N SER A 209 -2.19 15.42 -17.15
CA SER A 209 -0.96 15.33 -17.94
C SER A 209 0.17 14.75 -17.04
N PHE A 210 0.31 15.13 -15.76
CA PHE A 210 1.34 14.46 -15.03
CA PHE A 210 1.29 14.50 -14.81
C PHE A 210 1.03 13.00 -14.81
N ILE A 211 -0.23 12.64 -14.59
CA ILE A 211 -0.55 11.25 -14.35
C ILE A 211 -0.29 10.38 -15.57
N GLU A 212 -0.55 10.93 -16.73
CA GLU A 212 -0.44 10.15 -17.96
C GLU A 212 0.99 9.90 -18.37
N GLN A 213 1.84 10.79 -17.99
CA GLN A 213 3.23 10.56 -18.15
C GLN A 213 3.73 9.34 -17.34
N ILE A 214 3.18 9.11 -16.16
CA ILE A 214 3.44 7.81 -15.49
C ILE A 214 2.75 6.64 -16.14
N LEU A 215 1.46 6.82 -16.53
CA LEU A 215 0.70 5.68 -17.06
C LEU A 215 1.33 5.18 -18.37
N ARG A 216 1.86 6.11 -19.14
CA ARG A 216 2.49 5.74 -20.43
C ARG A 216 3.68 4.78 -20.23
N GLU A 217 4.31 4.75 -19.06
CA GLU A 217 5.38 3.80 -18.81
C GLU A 217 4.85 2.40 -18.56
N GLY A 218 3.58 2.22 -18.33
CA GLY A 218 3.03 0.84 -18.19
C GLY A 218 2.81 0.40 -16.74
N ALA A 219 3.06 1.27 -15.76
CA ALA A 219 2.90 0.84 -14.36
C ALA A 219 1.46 0.99 -13.91
N PHE A 220 1.08 0.32 -12.85
CA PHE A 220 -0.16 0.68 -12.18
C PHE A 220 0.05 1.98 -11.40
N ILE A 221 -1.03 2.72 -11.19
CA ILE A 221 -1.01 3.85 -10.29
C ILE A 221 -1.94 3.71 -9.07
N GLY A 222 -1.52 4.23 -7.92
CA GLY A 222 -2.30 4.15 -6.68
C GLY A 222 -3.14 5.42 -6.50
N LEU A 223 -4.45 5.29 -6.75
CA LEU A 223 -5.37 6.28 -6.35
C LEU A 223 -5.79 5.86 -4.98
N ASP A 224 -4.93 6.08 -4.00
CA ASP A 224 -4.92 5.24 -2.84
C ASP A 224 -5.10 5.93 -1.49
N ARG A 225 -5.44 7.22 -1.51
CA ARG A 225 -5.73 7.94 -0.26
C ARG A 225 -7.13 8.59 -0.25
N PHE A 226 -8.15 7.91 -0.79
CA PHE A 226 -9.52 8.40 -0.72
C PHE A 226 -9.89 8.58 0.74
N GLY A 227 -10.29 9.81 1.09
CA GLY A 227 -10.63 10.12 2.46
C GLY A 227 -9.65 11.03 3.14
N LEU A 228 -8.43 11.16 2.60
CA LEU A 228 -7.49 12.14 3.13
C LEU A 228 -7.52 13.41 2.31
N ASP A 229 -8.42 14.32 2.64
CA ASP A 229 -8.74 15.51 1.77
C ASP A 229 -7.62 16.49 1.78
N ILE A 230 -7.07 16.78 2.96
CA ILE A 230 -5.87 17.65 2.94
C ILE A 230 -5.08 16.83 1.89
N TYR A 231 -4.23 17.42 1.06
CA TYR A 231 -3.71 16.61 -0.09
C TYR A 231 -4.45 16.89 -1.42
N LEU A 232 -5.67 16.36 -1.52
CA LEU A 232 -6.55 16.58 -2.69
C LEU A 232 -7.87 16.17 -2.17
N PRO A 233 -8.82 17.09 -2.19
CA PRO A 233 -10.18 16.80 -1.73
C PRO A 233 -10.83 15.66 -2.47
N LEU A 234 -11.81 15.07 -1.82
CA LEU A 234 -12.55 13.94 -2.33
C LEU A 234 -13.14 14.17 -3.71
N ASP A 235 -13.86 15.28 -3.92
CA ASP A 235 -14.52 15.50 -5.19
C ASP A 235 -13.52 15.53 -6.37
N LYS A 236 -12.31 16.03 -6.17
CA LYS A 236 -11.35 15.98 -7.24
C LYS A 236 -10.75 14.57 -7.45
N ARG A 237 -10.63 13.79 -6.40
CA ARG A 237 -10.09 12.44 -6.50
C ARG A 237 -11.07 11.61 -7.30
N VAL A 238 -12.36 11.77 -7.07
CA VAL A 238 -13.37 10.94 -7.75
C VAL A 238 -13.41 11.31 -9.26
N LYS A 239 -13.38 12.60 -9.47
CA LYS A 239 -13.43 13.14 -10.80
C LYS A 239 -12.26 12.66 -11.67
N THR A 240 -11.06 12.61 -11.07
CA THR A 240 -9.86 12.14 -11.72
C THR A 240 -10.01 10.64 -12.06
N ALA A 241 -10.55 9.85 -11.16
CA ALA A 241 -10.67 8.42 -11.45
C ALA A 241 -11.65 8.19 -12.58
N ILE A 242 -12.77 8.90 -12.58
CA ILE A 242 -13.75 8.79 -13.69
C ILE A 242 -13.08 9.21 -14.98
N GLU A 243 -12.36 10.31 -15.00
CA GLU A 243 -11.72 10.78 -16.23
C GLU A 243 -10.67 9.82 -16.74
N LEU A 244 -9.93 9.16 -15.86
CA LEU A 244 -8.86 8.29 -16.35
C LEU A 244 -9.49 7.03 -16.98
N ILE A 245 -10.56 6.55 -16.40
CA ILE A 245 -11.31 5.49 -17.00
C ILE A 245 -11.91 5.90 -18.36
N LYS A 246 -12.45 7.10 -18.46
CA LYS A 246 -12.95 7.56 -19.77
C LYS A 246 -11.85 7.75 -20.74
N ARG A 247 -10.64 8.02 -20.30
CA ARG A 247 -9.58 8.13 -21.28
C ARG A 247 -8.86 6.79 -21.58
N GLY A 248 -9.39 5.66 -21.16
CA GLY A 248 -8.76 4.36 -21.58
C GLY A 248 -7.82 3.64 -20.59
N TRP A 249 -7.68 4.13 -19.35
CA TRP A 249 -6.58 3.69 -18.47
C TRP A 249 -7.03 2.68 -17.44
N ILE A 250 -8.23 2.16 -17.56
CA ILE A 250 -8.78 1.39 -16.46
C ILE A 250 -7.91 0.22 -15.98
N ASP A 251 -7.20 -0.44 -16.89
CA ASP A 251 -6.42 -1.59 -16.50
C ASP A 251 -5.20 -1.21 -15.62
N GLN A 252 -4.83 0.06 -15.54
CA GLN A 252 -3.70 0.49 -14.72
C GLN A 252 -4.10 1.21 -13.41
N LEU A 253 -5.36 1.16 -13.00
CA LEU A 253 -5.83 1.89 -11.83
C LEU A 253 -6.06 1.04 -10.63
N LEU A 254 -5.59 1.46 -9.45
CA LEU A 254 -5.89 0.73 -8.21
C LEU A 254 -6.44 1.74 -7.22
N LEU A 255 -7.45 1.36 -6.45
CA LEU A 255 -8.05 2.25 -5.47
C LEU A 255 -7.93 1.74 -4.04
N SER A 256 -7.79 2.68 -3.10
CA SER A 256 -7.76 2.39 -1.66
C SER A 256 -7.81 3.67 -0.86
N HIS A 257 -7.83 3.50 0.44
CA HIS A 257 -7.97 4.65 1.38
C HIS A 257 -6.74 4.99 2.14
N ASP A 258 -5.83 4.02 2.21
CA ASP A 258 -4.61 4.19 3.03
C ASP A 258 -4.94 4.37 4.49
N TYR A 259 -6.01 3.74 4.95
CA TYR A 259 -6.51 3.98 6.32
C TYR A 259 -5.62 3.42 7.40
N CYS A 260 -5.43 4.22 8.43
CA CYS A 260 -4.67 3.90 9.60
C CYS A 260 -5.56 3.92 10.83
N PRO A 261 -5.97 2.76 11.27
CA PRO A 261 -6.80 2.71 12.48
C PRO A 261 -6.04 3.29 13.68
N THR A 262 -4.72 3.23 13.71
CA THR A 262 -3.81 3.94 14.67
C THR A 262 -2.67 4.43 13.77
N ILE A 263 -2.23 5.63 14.01
CA ILE A 263 -1.00 6.16 13.48
C ILE A 263 -0.34 7.01 14.55
N ASP A 264 0.87 6.63 14.99
CA ASP A 264 1.54 7.26 16.11
C ASP A 264 2.21 8.58 15.77
N TRP A 265 2.28 8.91 14.51
CA TRP A 265 2.95 10.14 14.15
C TRP A 265 2.28 11.43 14.67
N TYR A 266 1.01 11.37 14.95
CA TYR A 266 0.23 12.55 15.41
C TYR A 266 -0.60 12.15 16.56
N PRO A 267 -0.79 13.06 17.48
CA PRO A 267 -1.99 12.75 18.35
C PRO A 267 -3.28 12.40 17.58
N PRO A 268 -4.04 11.41 18.06
CA PRO A 268 -5.30 11.05 17.38
C PRO A 268 -6.37 12.17 17.20
N GLU A 269 -6.45 13.13 18.14
CA GLU A 269 -7.51 14.14 18.06
C GLU A 269 -7.20 15.03 16.91
N VAL A 270 -5.95 15.30 16.62
CA VAL A 270 -5.74 16.25 15.54
C VAL A 270 -6.03 15.57 14.20
N VAL A 271 -5.91 14.25 14.15
CA VAL A 271 -6.22 13.56 12.96
C VAL A 271 -7.75 13.44 12.75
N ARG A 272 -8.47 13.00 13.76
CA ARG A 272 -9.96 12.95 13.69
C ARG A 272 -10.61 14.27 13.37
N SER A 273 -10.08 15.36 13.86
CA SER A 273 -10.59 16.70 13.54
C SER A 273 -10.28 17.14 12.19
N THR A 274 -9.13 16.81 11.67
CA THR A 274 -8.72 17.37 10.39
C THR A 274 -9.16 16.51 9.20
N VAL A 275 -9.27 15.17 9.29
CA VAL A 275 -9.73 14.32 8.15
C VAL A 275 -10.82 13.39 8.72
N PRO A 276 -11.97 14.00 9.11
CA PRO A 276 -12.99 13.28 9.84
C PRO A 276 -13.68 12.27 8.99
N ASP A 277 -13.59 12.38 7.70
CA ASP A 277 -14.20 11.34 6.82
C ASP A 277 -13.31 10.15 6.46
N TRP A 278 -12.08 10.13 6.95
CA TRP A 278 -11.16 9.11 6.57
C TRP A 278 -11.55 7.82 7.30
N THR A 279 -11.86 6.76 6.54
CA THR A 279 -12.20 5.45 7.12
C THR A 279 -11.72 4.39 6.13
N MET A 280 -12.00 3.15 6.40
CA MET A 280 -11.71 2.05 5.43
C MET A 280 -12.95 1.67 4.60
N THR A 281 -13.99 2.49 4.62
CA THR A 281 -15.24 2.22 3.85
C THR A 281 -15.68 3.35 2.91
N LEU A 282 -14.95 4.46 2.87
CA LEU A 282 -15.43 5.62 2.09
C LEU A 282 -15.59 5.36 0.60
N ILE A 283 -14.79 4.50 0.05
CA ILE A 283 -14.86 4.20 -1.35
C ILE A 283 -16.27 3.58 -1.67
N PHE A 284 -16.76 2.75 -0.76
CA PHE A 284 -18.07 2.12 -0.86
C PHE A 284 -19.23 3.10 -0.54
N GLU A 285 -19.10 3.97 0.42
CA GLU A 285 -20.21 4.84 0.80
C GLU A 285 -20.33 5.98 -0.16
N LYS A 286 -19.23 6.54 -0.65
CA LYS A 286 -19.27 7.77 -1.41
C LYS A 286 -18.70 7.69 -2.79
N VAL A 287 -17.56 7.01 -2.99
CA VAL A 287 -16.88 7.11 -4.30
C VAL A 287 -17.61 6.30 -5.37
N ILE A 288 -17.89 5.04 -5.08
CA ILE A 288 -18.50 4.16 -6.03
C ILE A 288 -19.94 4.64 -6.46
N PRO A 289 -20.77 5.08 -5.53
CA PRO A 289 -22.09 5.65 -6.01
C PRO A 289 -21.93 6.83 -6.94
N ARG A 290 -20.96 7.68 -6.70
CA ARG A 290 -20.78 8.85 -7.55
CA ARG A 290 -20.77 8.86 -7.57
C ARG A 290 -20.26 8.40 -8.89
N MET A 291 -19.38 7.38 -8.90
CA MET A 291 -18.90 6.91 -10.18
C MET A 291 -20.04 6.24 -11.01
N ARG A 292 -20.88 5.48 -10.33
CA ARG A 292 -21.96 4.76 -11.03
CA ARG A 292 -21.98 4.77 -11.01
C ARG A 292 -22.96 5.78 -11.59
N SER A 293 -23.29 6.77 -10.80
CA SER A 293 -24.20 7.76 -11.27
C SER A 293 -23.58 8.63 -12.36
N GLU A 294 -22.28 8.58 -12.63
CA GLU A 294 -21.77 9.19 -13.90
C GLU A 294 -21.48 8.18 -14.99
N GLY A 295 -22.01 6.94 -14.89
CA GLY A 295 -21.93 5.98 -16.03
C GLY A 295 -20.79 5.01 -16.00
N ILE A 296 -20.14 4.89 -14.85
CA ILE A 296 -19.15 3.89 -14.73
C ILE A 296 -19.97 2.64 -14.39
N THR A 297 -19.64 1.52 -15.07
CA THR A 297 -20.47 0.25 -14.88
C THR A 297 -20.07 -0.56 -13.69
N GLU A 298 -20.96 -1.41 -13.20
CA GLU A 298 -20.62 -2.29 -12.12
C GLU A 298 -19.39 -3.17 -12.55
N GLU A 299 -19.32 -3.56 -13.81
CA GLU A 299 -18.23 -4.41 -14.20
C GLU A 299 -16.91 -3.67 -14.21
N GLN A 300 -16.96 -2.38 -14.60
CA GLN A 300 -15.78 -1.51 -14.55
C GLN A 300 -15.29 -1.37 -13.08
N ILE A 301 -16.17 -1.18 -12.11
CA ILE A 301 -15.78 -1.19 -10.71
C ILE A 301 -15.09 -2.54 -10.36
N ASN A 302 -15.66 -3.66 -10.79
CA ASN A 302 -15.09 -4.94 -10.44
C ASN A 302 -13.72 -5.15 -11.09
N ARG A 303 -13.52 -4.62 -12.26
CA ARG A 303 -12.22 -4.70 -12.90
C ARG A 303 -11.11 -4.01 -12.09
N VAL A 304 -11.47 -2.89 -11.49
CA VAL A 304 -10.56 -2.12 -10.74
C VAL A 304 -10.28 -2.72 -9.36
N LEU A 305 -11.31 -3.20 -8.68
CA LEU A 305 -11.18 -3.70 -7.35
C LEU A 305 -10.91 -5.19 -7.21
N ILE A 306 -11.04 -5.92 -8.30
CA ILE A 306 -10.80 -7.35 -8.27
C ILE A 306 -9.79 -7.74 -9.28
N ASP A 307 -9.98 -7.41 -10.54
CA ASP A 307 -8.98 -7.87 -11.50
C ASP A 307 -7.57 -7.20 -11.40
N ASN A 308 -7.54 -5.89 -11.16
CA ASN A 308 -6.27 -5.16 -11.15
C ASN A 308 -5.36 -5.67 -10.01
N PRO A 309 -5.87 -5.82 -8.81
CA PRO A 309 -5.00 -6.44 -7.82
C PRO A 309 -4.57 -7.86 -8.19
N ARG A 310 -5.48 -8.65 -8.73
CA ARG A 310 -5.18 -10.00 -9.09
C ARG A 310 -4.06 -9.99 -10.09
N ARG A 311 -4.13 -9.11 -11.06
CA ARG A 311 -3.13 -9.07 -12.10
C ARG A 311 -1.75 -8.55 -11.62
N LEU A 312 -1.74 -7.59 -10.70
CA LEU A 312 -0.52 -7.15 -10.01
C LEU A 312 0.27 -8.35 -9.45
N PHE A 313 -0.44 -9.25 -8.80
CA PHE A 313 0.15 -10.43 -8.20
C PHE A 313 0.39 -11.65 -9.12
N THR A 314 -0.01 -11.62 -10.39
CA THR A 314 0.26 -12.76 -11.32
C THR A 314 1.50 -12.51 -12.19
N GLY A 315 1.46 -11.38 -12.87
CA GLY A 315 2.13 -11.13 -14.17
C GLY A 315 1.41 -10.16 -15.13
CO CO B . 0.37 3.65 3.45
CO CO C . 2.71 5.80 1.83
C1 GOL D . -7.51 20.69 0.16
O1 GOL D . -7.03 21.45 -0.99
C2 GOL D . -7.78 21.66 1.34
O2 GOL D . -8.16 23.05 0.94
C3 GOL D . -8.71 20.93 2.36
O3 GOL D . -9.33 21.91 3.28
C1 GOL E . 28.13 4.48 9.83
O1 GOL E . 27.43 5.58 9.16
C2 GOL E . 28.50 4.73 11.31
O2 GOL E . 28.77 3.53 12.01
C3 GOL E . 29.76 5.56 11.60
O3 GOL E . 29.54 6.10 12.91
C1 GOL F . -5.61 2.95 -24.58
O1 GOL F . -6.15 3.70 -25.68
C2 GOL F . -4.38 3.71 -24.10
O2 GOL F . -4.80 4.96 -23.49
C3 GOL F . -3.46 2.83 -23.21
O3 GOL F . -3.83 1.46 -22.89
C1 GOL G . -18.39 19.58 -5.36
O1 GOL G . -19.68 19.70 -4.72
C2 GOL G . -18.49 18.39 -6.26
O2 GOL G . -18.99 17.41 -5.34
C3 GOL G . -19.48 18.63 -7.40
O3 GOL G . -19.13 17.90 -8.60
C1 MYR H . 1.69 6.47 4.39
O1 MYR H . 1.01 5.65 4.15
O2 MYR H . 2.73 6.67 3.83
C2 MYR H . 1.22 7.19 5.49
C3 MYR H . 0.04 7.98 4.97
C4 MYR H . 0.14 9.42 5.46
C5 MYR H . -0.32 9.54 6.87
C6 MYR H . -1.54 10.42 6.93
C7 MYR H . -1.34 11.57 7.90
C8 MYR H . -2.64 12.07 8.47
C9 MYR H . -2.78 13.52 8.08
C10 MYR H . -3.51 14.27 9.18
C11 MYR H . -2.93 15.66 9.27
C12 MYR H . -3.03 16.17 10.68
C13 MYR H . -1.94 17.16 11.00
C14 MYR H . -1.36 17.89 9.81
S SO4 I . -1.18 14.95 -21.91
O1 SO4 I . -2.21 15.40 -20.92
O2 SO4 I . -1.69 15.18 -23.30
O3 SO4 I . 0.09 15.72 -21.79
O4 SO4 I . -0.99 13.47 -21.67
S SO4 J . 11.20 -8.65 -14.23
O1 SO4 J . 10.66 -7.40 -13.53
O2 SO4 J . 9.96 -9.51 -14.48
O3 SO4 J . 12.07 -8.23 -15.37
O4 SO4 J . 12.01 -9.63 -13.39
#